data_3I5L
#
_entry.id   3I5L
#
_cell.length_a   22.500
_cell.length_b   25.140
_cell.length_c   29.090
_cell.angle_alpha   66.53
_cell.angle_beta   79.28
_cell.angle_gamma   79.57
#
_symmetry.space_group_name_H-M   'P 1'
#
loop_
_entity.id
_entity.type
_entity.pdbx_description
1 polymer "5'-D(*CP*CP*AP*GP*GP*(C38)P*CP*TP*GP*G)-3'"
2 non-polymer 'CALCIUM ION'
3 non-polymer '(22R,51R)-22,51-diamino-5,11,17,28,34,40,46,57-octamethyl-2,5,8,11,14,17,20,25,28,31,34,37,40,43,46,49,54,57,60,61,64,6 5-docosaazanonacyclo[54.2.1.1~4,7~.1~10,13~.1~16,19~.1~27,30~.1~33,36~.1~39,42~.1~45,48~]hexahexaconta-1(58),4(66),6,10( 65),12,16(64),18,27(63),29,33(62),35,39(61),41,45(60),47,56(59)-hexadecaene-3,9,15,21,26,32,38,44,50,55-decone'
4 water water
#
_entity_poly.entity_id   1
_entity_poly.type   'polydeoxyribonucleotide'
_entity_poly.pdbx_seq_one_letter_code
;(DC)(DC)(DA)(DG)(DG)(C38)(DC)(DT)(DG)(DG)
;
_entity_poly.pdbx_strand_id   A,B
#
loop_
_chem_comp.id
_chem_comp.type
_chem_comp.name
_chem_comp.formula
1P1 non-polymer '(22R,51R)-22,51-diamino-5,11,17,28,34,40,46,57-octamethyl-2,5,8,11,14,17,20,25,28,31,34,37,40,43,46,49,54,57,60,61,64,6 5-docosaazanonacyclo[54.2.1.1~4,7~.1~10,13~.1~16,19~.1~27,30~.1~33,36~.1~39,42~.1~45,48~]hexahexaconta-1(58),4(66),6,10( 65),12,16(64),18,27(63),29,33(62),35,39(61),41,45(60),47,56(59)-hexadecaene-3,9,15,21,26,32,38,44,50,55-decone' 'C52 H60 N24 O10'
C38 DNA linking 5-IODO-2'-DEOXY-CYTIDINE-5'-MONOPHOSPHATE 'C9 H13 I N3 O7 P'
CA non-polymer 'CALCIUM ION' 'Ca 2'
DA DNA linking 2'-DEOXYADENOSINE-5'-MONOPHOSPHATE 'C10 H14 N5 O6 P'
DC DNA linking 2'-DEOXYCYTIDINE-5'-MONOPHOSPHATE 'C9 H14 N3 O7 P'
DG DNA linking 2'-DEOXYGUANOSINE-5'-MONOPHOSPHATE 'C10 H14 N5 O7 P'
DT DNA linking THYMIDINE-5'-MONOPHOSPHATE 'C10 H15 N2 O8 P'
#
# COMPACT_ATOMS: atom_id res chain seq x y z
P C38 A 6 -0.52 -0.22 9.51
O1P C38 A 6 -0.11 -1.37 10.29
O2P C38 A 6 -1.43 0.78 10.13
O5' C38 A 6 -1.22 -0.84 8.15
C5' C38 A 6 -1.90 0.05 7.31
C4' C38 A 6 -2.12 -0.62 5.98
O4' C38 A 6 -0.87 -0.87 5.35
C3' C38 A 6 -2.89 -1.94 5.88
O3' C38 A 6 -4.22 -1.56 5.41
C2' C38 A 6 -2.08 -2.77 4.88
C1' C38 A 6 -1.13 -1.77 4.25
N1 C38 A 6 0.13 -2.28 3.83
C2 C38 A 6 0.55 -2.12 2.46
O2 C38 A 6 -0.24 -1.56 1.68
N3 C38 A 6 1.77 -2.46 2.12
C4 C38 A 6 2.59 -3.10 2.98
N4 C38 A 6 3.78 -3.46 2.57
C5 C38 A 6 2.23 -3.33 4.31
C6 C38 A 6 0.97 -2.91 4.70
I C38 A 6 3.46 -4.20 5.77
P C38 B 6 1.90 0.08 -9.34
O1P C38 B 6 3.07 0.87 -9.82
O2P C38 B 6 0.89 -0.30 -10.29
O5' C38 B 6 1.29 0.97 -8.14
C5' C38 B 6 0.11 0.54 -7.52
C4' C38 B 6 -0.06 1.23 -6.21
O4' C38 B 6 0.94 0.86 -5.26
C3' C38 B 6 -0.07 2.77 -6.25
O3' C38 B 6 -1.43 3.18 -6.23
C2' C38 B 6 0.77 3.17 -5.06
C1' C38 B 6 0.92 1.92 -4.25
N1 C38 B 6 2.11 1.73 -3.45
C2 C38 B 6 2.05 1.42 -2.10
O2 C38 B 6 0.93 1.47 -1.52
N3 C38 B 6 3.17 1.10 -1.43
C4 C38 B 6 4.35 1.09 -2.06
N4 C38 B 6 5.44 0.73 -1.39
C5 C38 B 6 4.49 1.44 -3.44
C6 C38 B 6 3.29 1.73 -4.09
I C38 B 6 6.31 1.47 -4.46
CA CA C . -3.67 -16.52 0.27
C 1P1 D . 3.24 7.47 4.81
N 1P1 D . 4.26 7.31 4.01
O 1P1 D . 3.34 7.99 5.96
C1 1P1 D . 0.31 5.92 3.18
N1 1P1 D . 0.77 7.02 5.03
O1 1P1 D . -2.44 5.45 2.90
C2 1P1 D . 1.68 6.26 3.17
N2 1P1 D . -0.32 5.19 2.15
O2 1P1 D . -4.08 1.63 -2.59
C3 1P1 D . -0.22 6.42 4.39
N3 1P1 D . -3.47 3.83 0.77
O3 1P1 D . -1.19 -2.97 -6.73
C4 1P1 D . 0.58 7.71 6.42
N4 1P1 D . -2.02 1.66 -1.67
O4 1P1 D . 3.08 -8.26 -6.27
C5 1P1 D . 1.93 6.96 4.34
N5 1P1 D . -3.14 -0.10 -4.63
O5 1P1 D . -0.14 -8.56 -5.54
C6 1P1 D . -1.62 4.98 2.10
N6 1P1 D . -1.37 -0.56 -3.40
O6 1P1 D . -4.30 -3.33 -3.51
C7 1P1 D . -2.31 2.59 -0.64
N7 1P1 D . -0.42 -2.34 -4.71
O7 1P1 D . -4.83 0.83 1.92
C8 1P1 D . -3.57 2.93 -0.22
N8 1P1 D . 0.97 -4.71 -7.11
O8 1P1 D . -0.87 3.85 6.60
C9 1P1 D . -4.63 4.49 1.48
N9 1P1 D . 1.30 -4.71 -4.94
O9 1P1 D . 5.62 5.93 7.03
C10 1P1 D . -2.14 4.13 1.03
N10 1P1 D . 2.79 -6.55 -4.75
C11 1P1 D . -1.39 3.31 0.14
N11 1P1 D . 8.00 6.10 5.87
C12 1P1 D . -2.92 1.23 -2.54
N12 1P1 D . 0.42 -8.51 -3.39
C13 1P1 D . -1.40 -1.37 -4.50
N13 1P1 D . -1.86 -6.30 -5.20
C14 1P1 D . -2.47 -1.09 -5.27
N14 1P1 D . -2.55 -4.17 -2.39
C15 1P1 D . -4.35 0.59 -5.20
N15 1P1 D . -4.87 -1.53 -1.40
C16 1P1 D . -2.44 0.20 -3.51
N16 1P1 D . -2.93 -0.18 1.31
C17 1P1 D . -0.38 -3.08 -5.84
N17 1P1 D . -3.59 2.05 4.15
C18 1P1 D . 0.63 -4.15 -5.95
N18 1P1 D . -1.60 1.58 3.27
C19 1P1 D . 2.04 -5.67 -5.52
N19 1P1 D . -0.15 2.70 4.79
C20 1P1 D . 1.80 -5.74 -6.88
N20 1P1 D . 1.78 4.32 7.41
C21 1P1 D . 0.44 -4.30 -8.51
N21 1P1 D . 2.47 3.79 5.36
C22 1P1 D . 3.18 -7.84 -5.12
N22 1P1 D . 4.77 4.45 5.53
C23 1P1 D . 6.88 5.53 5.05
N23 1P1 D . 4.34 -9.91 -4.63
C24 1P1 D . 6.60 6.54 3.90
C25 1P1 D . 5.64 7.67 4.25
C26 1P1 D . -0.24 -8.05 -4.45
C27 1P1 D . -2.18 -5.12 -3.35
C28 1P1 D . -1.30 -6.16 -3.04
C29 1P1 D . -2.50 -5.21 -4.65
C30 1P1 D . -1.96 -6.69 -6.63
C31 1P1 D . -1.12 -6.90 -4.21
C32 1P1 D . -3.56 -3.31 -2.52
C33 1P1 D . -2.90 -1.93 -0.46
C34 1P1 D . -3.47 -0.84 0.21
C35 1P1 D . -4.73 -0.75 -0.37
C36 1P1 D . -6.13 -1.64 -2.15
C37 1P1 D . -3.75 -2.32 -1.49
C38 1P1 D . -3.64 0.66 2.09
C39 1P1 D . -1.44 2.32 4.38
C40 1P1 D . -2.65 2.59 4.91
C41 1P1 D . -5.04 2.05 4.49
C42 1P1 D . -2.95 1.38 3.17
C43 1P1 D . 0.05 3.47 5.88
C44 1P1 D . 1.41 3.80 6.21
C45 1P1 D . 3.51 4.29 6.09
C46 1P1 D . 3.10 4.60 7.35
C47 1P1 D . 0.96 4.45 8.63
C48 1P1 D . 5.72 5.27 5.97
C49 1P1 D . 3.73 -8.71 -4.05
C50 1P1 D . 2.75 -9.14 -2.93
C51 1P1 D . 1.38 -9.57 -3.38
CA CA E . -4.45 10.21 -3.64
CA CA F . 13.14 -15.20 -1.01
CA CA G . -5.80 3.88 -2.66
CA CA G . -7.08 4.23 -1.56
CA CA H . -5.26 9.31 1.90
#